data_3SXK
#
_entry.id   3SXK
#
_cell.length_a   45.697
_cell.length_b   79.977
_cell.length_c   49.223
_cell.angle_alpha   90.000
_cell.angle_beta   115.080
_cell.angle_gamma   90.000
#
_symmetry.space_group_name_H-M   'P 1 21 1'
#
loop_
_entity.id
_entity.type
_entity.pdbx_description
1 polymer 'Transcriptional regulator, GntR family'
2 non-polymer 'SULFATE ION'
3 non-polymer 'ZINC ION'
4 non-polymer 'BICARBONATE ION'
5 water water
#
_entity_poly.entity_id   1
_entity_poly.type   'polypeptide(L)'
_entity_poly.pdbx_seq_one_letter_code
;GAMDEKFIRETIETRIMMEVFCLENYFDKIAGSEELLEIKGEIDDVAASAAREIFDDSDERLHKLFIRASGNELIISLYE
KIWDRIDLVRHLNERYVVSNREHKELIERIISGDKEGAIEKLKEHLKNVEAETIKNLYTY
;
_entity_poly.pdbx_strand_id   A,B
#
loop_
_chem_comp.id
_chem_comp.type
_chem_comp.name
_chem_comp.formula
BCT non-polymer 'BICARBONATE ION' 'C H O3 -1'
SO4 non-polymer 'SULFATE ION' 'O4 S -2'
ZN non-polymer 'ZINC ION' 'Zn 2'
#
# COMPACT_ATOMS: atom_id res chain seq x y z
N GLY A 1 -8.90 16.58 13.54
CA GLY A 1 -8.01 16.07 14.56
C GLY A 1 -6.77 16.94 14.69
N ALA A 2 -5.88 16.60 15.61
CA ALA A 2 -4.73 17.41 15.92
C ALA A 2 -3.55 16.93 15.06
N MET A 3 -2.57 17.81 14.94
CA MET A 3 -1.31 17.50 14.31
C MET A 3 -0.45 16.93 15.42
N ASP A 4 -0.58 15.63 15.63
CA ASP A 4 0.03 14.94 16.77
C ASP A 4 0.73 13.64 16.38
N GLU A 5 1.29 12.94 17.36
CA GLU A 5 2.03 11.75 17.10
C GLU A 5 1.31 10.78 16.17
N LYS A 6 0.00 10.59 16.40
CA LYS A 6 -0.75 9.64 15.60
C LYS A 6 -0.83 10.10 14.15
N PHE A 7 -1.05 11.38 13.95
CA PHE A 7 -1.07 11.97 12.60
C PHE A 7 0.25 11.68 11.88
N ILE A 8 1.35 11.85 12.57
CA ILE A 8 2.66 11.64 12.01
C ILE A 8 2.90 10.18 11.68
N ARG A 9 2.65 9.32 12.65
CA ARG A 9 2.84 7.89 12.47
C ARG A 9 1.96 7.35 11.34
N GLU A 10 0.74 7.85 11.24
CA GLU A 10 -0.15 7.37 10.16
C GLU A 10 0.41 7.76 8.79
N THR A 11 1.00 8.95 8.72
CA THR A 11 1.57 9.45 7.46
C THR A 11 2.73 8.57 7.01
N ILE A 12 3.65 8.32 7.93
CA ILE A 12 4.82 7.50 7.59
C ILE A 12 4.44 6.05 7.26
N GLU A 13 3.52 5.48 8.02
CA GLU A 13 3.01 4.10 7.73
C GLU A 13 2.40 4.02 6.33
N THR A 14 1.61 5.01 5.97
CA THR A 14 1.05 5.07 4.63
C THR A 14 2.12 5.13 3.56
N ARG A 15 3.15 5.93 3.77
CA ARG A 15 4.27 6.02 2.84
C ARG A 15 5.00 4.70 2.73
N ILE A 16 5.23 4.02 3.87
CA ILE A 16 5.90 2.72 3.81
C ILE A 16 5.06 1.75 2.96
N MET A 17 3.76 1.69 3.26
CA MET A 17 2.84 0.87 2.46
C MET A 17 2.94 1.09 0.94
N MET A 18 2.89 2.35 0.53
CA MET A 18 2.86 2.69 -0.87
C MET A 18 4.22 2.60 -1.56
N GLU A 19 5.22 3.26 -0.96
CA GLU A 19 6.53 3.39 -1.56
C GLU A 19 7.27 2.05 -1.59
N VAL A 20 7.19 1.29 -0.52
CA VAL A 20 7.85 0.00 -0.49
C VAL A 20 7.17 -0.96 -1.48
N PHE A 21 5.85 -0.93 -1.58
CA PHE A 21 5.20 -1.79 -2.55
C PHE A 21 5.73 -1.50 -3.96
N CYS A 22 5.81 -0.22 -4.29
CA CYS A 22 6.22 0.16 -5.63
C CYS A 22 7.71 -0.16 -5.86
N LEU A 23 8.57 0.07 -4.88
CA LEU A 23 10.00 -0.27 -5.04
C LEU A 23 10.21 -1.78 -5.25
N GLU A 24 9.52 -2.57 -4.45
CA GLU A 24 9.56 -4.02 -4.55
C GLU A 24 9.09 -4.49 -5.91
N ASN A 25 7.94 -4.00 -6.36
CA ASN A 25 7.27 -4.56 -7.54
C ASN A 25 7.71 -3.96 -8.89
N TYR A 26 8.38 -2.81 -8.83
CA TYR A 26 8.90 -2.12 -10.01
C TYR A 26 10.38 -1.78 -9.86
N PHE A 27 11.08 -2.61 -9.08
CA PHE A 27 12.50 -2.44 -8.87
C PHE A 27 13.33 -2.27 -10.15
N ASP A 28 13.14 -3.14 -11.13
CA ASP A 28 14.01 -3.04 -12.32
C ASP A 28 13.73 -1.75 -13.12
N LYS A 29 12.47 -1.34 -13.21
CA LYS A 29 12.13 -0.09 -13.87
C LYS A 29 12.75 1.13 -13.15
N ILE A 30 12.70 1.12 -11.82
CA ILE A 30 13.31 2.20 -11.04
C ILE A 30 14.83 2.22 -11.26
N ALA A 31 15.44 1.06 -11.12
CA ALA A 31 16.91 0.94 -11.22
C ALA A 31 17.42 1.38 -12.59
N GLY A 32 16.61 1.16 -13.60
CA GLY A 32 17.00 1.49 -14.97
C GLY A 32 16.66 2.92 -15.42
N SER A 33 16.03 3.70 -14.56
CA SER A 33 15.51 5.00 -14.98
C SER A 33 16.57 6.08 -15.04
N GLU A 34 16.40 6.96 -16.02
CA GLU A 34 17.27 8.14 -16.13
C GLU A 34 17.04 9.07 -14.96
N GLU A 35 15.79 9.21 -14.55
CA GLU A 35 15.47 10.05 -13.39
C GLU A 35 16.28 9.68 -12.14
N LEU A 36 16.44 8.41 -11.88
CA LEU A 36 17.16 7.99 -10.68
C LEU A 36 18.61 8.54 -10.69
N LEU A 37 19.23 8.45 -11.86
CA LEU A 37 20.61 8.88 -12.02
C LEU A 37 20.72 10.41 -11.97
N GLU A 38 19.74 11.11 -12.52
CA GLU A 38 19.68 12.57 -12.42
C GLU A 38 19.60 13.00 -10.95
N ILE A 39 18.76 12.34 -10.19
CA ILE A 39 18.63 12.62 -8.77
C ILE A 39 19.95 12.36 -8.03
N LYS A 40 20.56 11.20 -8.32
CA LYS A 40 21.82 10.84 -7.70
C LYS A 40 22.89 11.90 -7.98
N GLY A 41 22.90 12.38 -9.22
CA GLY A 41 23.84 13.39 -9.66
C GLY A 41 23.68 14.67 -8.87
N GLU A 42 22.42 15.01 -8.60
CA GLU A 42 22.06 16.22 -7.88
C GLU A 42 22.51 16.11 -6.43
N ILE A 43 22.42 14.92 -5.86
CA ILE A 43 22.92 14.65 -4.53
C ILE A 43 24.44 14.66 -4.48
N ASP A 44 25.06 14.10 -5.51
CA ASP A 44 26.50 13.90 -5.44
C ASP A 44 27.25 15.20 -5.73
N ASP A 45 26.67 16.26 -6.25
CA ASP A 45 27.24 17.46 -6.86
C ASP A 45 27.51 18.57 -5.86
N VAL A 46 27.05 18.24 -4.65
CA VAL A 46 27.33 19.11 -3.52
C VAL A 46 27.79 18.24 -2.35
N ALA A 47 28.53 18.85 -1.31
CA ALA A 47 29.10 18.16 -0.17
C ALA A 47 28.00 17.57 0.70
N ALA A 48 28.33 16.53 1.46
CA ALA A 48 27.32 15.94 2.33
C ALA A 48 26.78 17.04 3.25
N SER A 49 27.65 17.95 3.62
CA SER A 49 27.30 19.00 4.53
C SER A 49 26.39 20.10 3.93
N ALA A 50 26.29 20.16 2.61
CA ALA A 50 25.50 21.17 1.91
C ALA A 50 24.07 20.78 1.53
N ALA A 51 23.49 19.80 2.22
CA ALA A 51 22.28 19.17 1.76
C ALA A 51 21.02 20.07 1.72
N ARG A 52 20.96 21.12 2.47
CA ARG A 52 19.76 21.93 2.48
C ARG A 52 19.16 22.25 1.08
N GLU A 53 19.88 22.89 0.16
CA GLU A 53 19.28 23.23 -1.14
C GLU A 53 18.91 21.97 -1.95
N ILE A 54 19.77 20.99 -1.76
CA ILE A 54 19.74 19.64 -2.24
C ILE A 54 18.39 19.01 -1.95
N PHE A 55 18.25 19.07 -0.75
CA PHE A 55 17.21 18.22 -0.18
C PHE A 55 15.79 18.32 -0.76
N ASP A 56 15.12 19.46 -0.72
CA ASP A 56 13.65 19.39 -0.95
C ASP A 56 13.24 18.83 -2.31
N ASP A 57 13.92 19.41 -3.30
CA ASP A 57 13.91 18.98 -4.68
C ASP A 57 14.29 17.50 -4.87
N SER A 58 15.49 17.09 -4.41
CA SER A 58 15.88 15.67 -4.60
C SER A 58 14.95 14.73 -3.83
N ASP A 59 14.51 15.12 -2.64
CA ASP A 59 13.70 14.25 -1.79
C ASP A 59 12.35 13.95 -2.41
N GLU A 60 11.62 14.98 -2.84
CA GLU A 60 10.32 14.80 -3.48
C GLU A 60 10.48 13.93 -4.72
N ARG A 61 11.49 14.27 -5.53
CA ARG A 61 11.69 13.50 -6.77
C ARG A 61 11.96 12.04 -6.53
N LEU A 62 12.78 11.71 -5.54
CA LEU A 62 13.16 10.32 -5.28
C LEU A 62 11.96 9.49 -4.82
N HIS A 63 11.24 9.98 -3.82
CA HIS A 63 10.07 9.28 -3.31
C HIS A 63 8.97 9.19 -4.37
N LYS A 64 8.74 10.26 -5.13
CA LYS A 64 7.72 10.24 -6.16
C LYS A 64 8.10 9.31 -7.30
N LEU A 65 9.40 9.18 -7.60
CA LEU A 65 9.86 8.24 -8.63
C LEU A 65 9.43 6.82 -8.35
N PHE A 66 9.55 6.38 -7.11
CA PHE A 66 9.21 5.01 -6.76
C PHE A 66 7.75 4.76 -7.17
N ILE A 67 6.89 5.70 -6.79
CA ILE A 67 5.43 5.63 -7.07
C ILE A 67 5.19 5.66 -8.58
N ARG A 68 5.77 6.63 -9.26
CA ARG A 68 5.54 6.81 -10.68
C ARG A 68 5.92 5.58 -11.49
N ALA A 69 6.98 4.90 -11.08
CA ALA A 69 7.46 3.73 -11.80
C ALA A 69 6.45 2.60 -11.89
N SER A 70 5.47 2.58 -10.99
CA SER A 70 4.39 1.60 -11.07
C SER A 70 3.57 1.70 -12.35
N GLY A 71 3.51 2.91 -12.89
CA GLY A 71 2.61 3.24 -13.98
C GLY A 71 1.15 3.06 -13.63
N ASN A 72 0.84 2.88 -12.35
CA ASN A 72 -0.54 2.69 -11.90
C ASN A 72 -1.15 4.05 -11.56
N GLU A 73 -2.05 4.53 -12.41
CA GLU A 73 -2.50 5.92 -12.22
C GLU A 73 -3.29 6.09 -10.93
N LEU A 74 -3.94 5.02 -10.45
CA LEU A 74 -4.70 5.13 -9.21
C LEU A 74 -3.69 5.30 -8.03
N ILE A 75 -2.64 4.51 -7.99
CA ILE A 75 -1.63 4.62 -6.95
C ILE A 75 -1.00 6.00 -7.01
N ILE A 76 -0.66 6.43 -8.23
CA ILE A 76 -0.04 7.74 -8.42
C ILE A 76 -0.97 8.83 -7.92
N SER A 77 -2.25 8.68 -8.23
CA SER A 77 -3.18 9.73 -7.83
C SER A 77 -3.44 9.75 -6.33
N LEU A 78 -3.42 8.59 -5.68
CA LEU A 78 -3.59 8.55 -4.23
C LEU A 78 -2.36 9.17 -3.53
N TYR A 79 -1.17 8.96 -4.06
CA TYR A 79 0.05 9.51 -3.48
C TYR A 79 0.00 11.04 -3.65
N GLU A 80 -0.44 11.48 -4.82
CA GLU A 80 -0.61 12.91 -5.03
C GLU A 80 -1.63 13.53 -4.05
N LYS A 81 -2.70 12.82 -3.77
CA LYS A 81 -3.75 13.28 -2.85
C LYS A 81 -3.16 13.53 -1.46
N ILE A 82 -2.26 12.64 -1.03
CA ILE A 82 -1.69 12.72 0.33
C ILE A 82 -0.38 13.58 0.37
N TRP A 83 0.05 14.09 -0.77
CA TRP A 83 1.35 14.74 -0.85
C TRP A 83 1.44 15.97 0.08
N ASP A 84 0.41 16.81 0.13
CA ASP A 84 0.46 18.00 1.02
C ASP A 84 0.69 17.56 2.47
N ARG A 85 0.05 16.47 2.88
CA ARG A 85 0.25 15.89 4.20
C ARG A 85 1.68 15.35 4.42
N ILE A 86 2.18 14.60 3.43
CA ILE A 86 3.55 14.11 3.47
C ILE A 86 4.53 15.31 3.63
N ASP A 87 4.26 16.37 2.88
CA ASP A 87 5.14 17.56 2.75
C ASP A 87 5.08 18.27 4.10
N LEU A 88 3.90 18.34 4.74
CA LEU A 88 3.79 18.93 6.10
C LEU A 88 4.68 18.17 7.06
N VAL A 89 4.54 16.86 7.08
CA VAL A 89 5.27 16.06 8.04
C VAL A 89 6.77 16.16 7.81
N ARG A 90 7.22 16.18 6.56
CA ARG A 90 8.65 16.30 6.35
C ARG A 90 9.21 17.63 6.85
N HIS A 91 8.36 18.63 6.83
CA HIS A 91 8.80 19.97 7.26
C HIS A 91 8.83 20.12 8.78
N LEU A 92 8.32 19.15 9.51
CA LEU A 92 8.23 19.24 10.96
C LEU A 92 9.57 19.20 11.61
N ASN A 93 10.53 18.52 10.98
CA ASN A 93 11.84 18.35 11.57
C ASN A 93 12.86 18.33 10.46
N GLU A 94 13.81 19.24 10.54
CA GLU A 94 14.84 19.39 9.55
C GLU A 94 15.97 18.40 9.75
N ARG A 95 16.08 17.46 8.82
CA ARG A 95 17.12 16.42 8.86
C ARG A 95 17.92 16.33 7.58
N TYR A 96 18.18 17.47 6.93
CA TYR A 96 18.75 17.46 5.58
C TYR A 96 19.99 16.57 5.40
N VAL A 97 20.97 16.73 6.28
CA VAL A 97 22.23 16.04 6.05
C VAL A 97 22.06 14.54 6.14
N VAL A 98 21.41 14.10 7.21
CA VAL A 98 21.28 12.70 7.49
C VAL A 98 20.28 12.07 6.49
N SER A 99 19.15 12.73 6.21
CA SER A 99 18.25 12.13 5.24
C SER A 99 18.89 12.08 3.85
N ASN A 100 19.70 13.07 3.51
CA ASN A 100 20.37 13.03 2.23
C ASN A 100 21.38 11.84 2.15
N ARG A 101 22.12 11.58 3.24
CA ARG A 101 22.99 10.40 3.32
C ARG A 101 22.19 9.13 3.08
N GLU A 102 21.02 9.04 3.72
CA GLU A 102 20.18 7.83 3.59
C GLU A 102 19.65 7.67 2.17
N HIS A 103 19.31 8.78 1.52
CA HIS A 103 18.89 8.75 0.12
C HIS A 103 20.04 8.24 -0.75
N LYS A 104 21.26 8.72 -0.48
CA LYS A 104 22.39 8.32 -1.31
C LYS A 104 22.66 6.81 -1.21
N GLU A 105 22.61 6.27 -0.01
CA GLU A 105 22.80 4.85 0.25
C GLU A 105 21.69 4.04 -0.39
N LEU A 106 20.47 4.56 -0.33
CA LEU A 106 19.31 3.85 -0.91
C LEU A 106 19.52 3.75 -2.42
N ILE A 107 19.86 4.88 -3.03
CA ILE A 107 20.10 4.90 -4.45
C ILE A 107 21.22 3.96 -4.86
N GLU A 108 22.32 3.95 -4.12
CA GLU A 108 23.40 3.02 -4.47
C GLU A 108 22.96 1.56 -4.39
N ARG A 109 22.14 1.20 -3.41
CA ARG A 109 21.65 -0.18 -3.33
C ARG A 109 20.81 -0.50 -4.55
N ILE A 110 19.99 0.44 -4.97
CA ILE A 110 19.17 0.22 -6.14
C ILE A 110 19.98 0.01 -7.40
N ILE A 111 20.90 0.93 -7.69
CA ILE A 111 21.64 0.86 -8.96
C ILE A 111 22.61 -0.34 -8.99
N SER A 112 22.98 -0.84 -7.83
CA SER A 112 23.86 -2.00 -7.77
C SER A 112 23.07 -3.34 -7.78
N GLY A 113 21.75 -3.26 -7.83
CA GLY A 113 20.92 -4.45 -7.95
C GLY A 113 20.57 -5.16 -6.67
N ASP A 114 20.80 -4.52 -5.55
CA ASP A 114 20.56 -5.09 -4.23
C ASP A 114 19.12 -4.77 -3.84
N LYS A 115 18.18 -5.54 -4.37
CA LYS A 115 16.77 -5.25 -4.16
C LYS A 115 16.39 -5.44 -2.71
N GLU A 116 16.81 -6.55 -2.10
CA GLU A 116 16.43 -6.78 -0.71
C GLU A 116 16.99 -5.66 0.17
N GLY A 117 18.23 -5.26 -0.08
CA GLY A 117 18.84 -4.21 0.69
C GLY A 117 18.22 -2.84 0.46
N ALA A 118 17.81 -2.55 -0.77
CA ALA A 118 17.12 -1.27 -1.06
C ALA A 118 15.79 -1.17 -0.30
N ILE A 119 15.04 -2.26 -0.26
CA ILE A 119 13.77 -2.29 0.47
C ILE A 119 14.01 -2.07 1.94
N GLU A 120 15.02 -2.77 2.49
CA GLU A 120 15.41 -2.56 3.87
C GLU A 120 15.79 -1.09 4.11
N LYS A 121 16.54 -0.49 3.21
CA LYS A 121 17.04 0.85 3.44
C LYS A 121 15.91 1.89 3.39
N LEU A 122 14.95 1.67 2.51
CA LEU A 122 13.81 2.59 2.40
C LEU A 122 13.01 2.54 3.70
N LYS A 123 12.76 1.34 4.21
CA LYS A 123 12.00 1.22 5.45
C LYS A 123 12.79 1.85 6.60
N GLU A 124 14.07 1.53 6.68
CA GLU A 124 14.91 2.12 7.74
C GLU A 124 14.90 3.65 7.68
N HIS A 125 15.06 4.20 6.48
CA HIS A 125 15.01 5.66 6.25
C HIS A 125 13.69 6.29 6.76
N LEU A 126 12.55 5.76 6.31
CA LEU A 126 11.27 6.31 6.73
C LEU A 126 11.05 6.15 8.23
N LYS A 127 11.46 5.02 8.81
CA LYS A 127 11.28 4.80 10.25
C LYS A 127 12.23 5.72 11.05
N ASN A 128 13.40 6.02 10.50
CA ASN A 128 14.38 6.90 11.16
C ASN A 128 13.83 8.31 11.15
N VAL A 129 13.24 8.71 10.03
CA VAL A 129 12.65 10.03 9.92
C VAL A 129 11.50 10.16 10.91
N GLU A 130 10.65 9.15 10.99
CA GLU A 130 9.50 9.10 11.90
C GLU A 130 9.98 9.29 13.35
N ALA A 131 10.99 8.51 13.73
CA ALA A 131 11.43 8.49 15.12
C ALA A 131 11.98 9.84 15.51
N GLU A 132 12.71 10.46 14.60
CA GLU A 132 13.29 11.77 14.89
C GLU A 132 12.22 12.87 14.95
N THR A 133 11.22 12.76 14.09
CA THR A 133 10.16 13.73 14.11
C THR A 133 9.40 13.62 15.42
N ILE A 134 9.11 12.40 15.89
CA ILE A 134 8.39 12.22 17.15
C ILE A 134 9.29 12.67 18.32
N LYS A 135 10.57 12.36 18.25
CA LYS A 135 11.53 12.81 19.29
C LYS A 135 11.50 14.31 19.49
N ASN A 136 11.14 15.06 18.45
CA ASN A 136 11.32 16.50 18.46
C ASN A 136 9.99 17.22 18.45
N LEU A 137 8.92 16.48 18.69
CA LEU A 137 7.56 17.04 18.60
C LEU A 137 7.32 18.08 19.67
N TYR A 138 8.11 18.02 20.74
CA TYR A 138 8.06 19.03 21.81
C TYR A 138 9.33 19.84 22.05
N THR A 139 10.16 19.96 21.03
CA THR A 139 11.39 20.71 21.14
C THR A 139 11.33 22.01 20.36
N TYR A 140 10.12 22.49 20.14
CA TYR A 140 9.93 23.69 19.39
C TYR A 140 10.10 24.86 20.35
N GLY B 1 -10.90 8.40 -18.82
CA GLY B 1 -10.53 7.20 -19.54
C GLY B 1 -11.61 6.14 -19.53
N ALA B 2 -11.35 5.05 -20.25
CA ALA B 2 -12.33 3.97 -20.41
C ALA B 2 -12.32 2.98 -19.27
N MET B 3 -13.43 2.26 -19.14
CA MET B 3 -13.54 1.16 -18.19
C MET B 3 -12.96 -0.03 -18.95
N ASP B 4 -11.65 -0.26 -18.78
CA ASP B 4 -10.91 -1.21 -19.59
C ASP B 4 -9.98 -2.12 -18.76
N GLU B 5 -9.20 -2.96 -19.42
CA GLU B 5 -8.33 -3.90 -18.73
CA GLU B 5 -8.33 -3.90 -18.73
C GLU B 5 -7.43 -3.14 -17.75
N LYS B 6 -6.83 -2.04 -18.19
CA LYS B 6 -5.95 -1.23 -17.32
C LYS B 6 -6.66 -0.73 -16.08
N PHE B 7 -7.87 -0.23 -16.25
CA PHE B 7 -8.65 0.26 -15.10
C PHE B 7 -8.83 -0.86 -14.08
N ILE B 8 -9.19 -2.05 -14.56
CA ILE B 8 -9.39 -3.21 -13.71
C ILE B 8 -8.09 -3.63 -12.97
N ARG B 9 -7.03 -3.76 -13.74
CA ARG B 9 -5.75 -4.18 -13.17
CA ARG B 9 -5.74 -4.18 -13.18
C ARG B 9 -5.25 -3.18 -12.13
N GLU B 10 -5.39 -1.89 -12.42
CA GLU B 10 -4.98 -0.88 -11.46
C GLU B 10 -5.76 -0.98 -10.16
N THR B 11 -7.04 -1.30 -10.27
CA THR B 11 -7.90 -1.40 -9.08
C THR B 11 -7.42 -2.54 -8.20
N ILE B 12 -7.25 -3.71 -8.79
CA ILE B 12 -6.83 -4.88 -8.04
C ILE B 12 -5.44 -4.74 -7.47
N GLU B 13 -4.52 -4.14 -8.25
CA GLU B 13 -3.16 -3.91 -7.72
C GLU B 13 -3.16 -3.01 -6.49
N THR B 14 -3.99 -1.98 -6.54
CA THR B 14 -4.13 -1.07 -5.40
C THR B 14 -4.67 -1.80 -4.17
N ARG B 15 -5.67 -2.65 -4.38
CA ARG B 15 -6.18 -3.49 -3.30
C ARG B 15 -5.13 -4.42 -2.71
N ILE B 16 -4.32 -5.06 -3.56
CA ILE B 16 -3.27 -5.94 -3.06
C ILE B 16 -2.32 -5.10 -2.20
N MET B 17 -1.89 -3.95 -2.72
CA MET B 17 -1.01 -3.05 -1.97
C MET B 17 -1.51 -2.75 -0.56
N MET B 18 -2.78 -2.35 -0.47
CA MET B 18 -3.36 -1.91 0.78
C MET B 18 -3.75 -3.05 1.71
N GLU B 19 -4.52 -4.00 1.17
CA GLU B 19 -5.10 -5.06 1.99
C GLU B 19 -4.04 -6.03 2.48
N VAL B 20 -3.09 -6.39 1.61
CA VAL B 20 -2.04 -7.28 2.03
C VAL B 20 -1.15 -6.61 3.07
N PHE B 21 -0.86 -5.31 2.92
CA PHE B 21 -0.04 -4.64 3.94
C PHE B 21 -0.72 -4.72 5.31
N CYS B 22 -2.02 -4.44 5.34
CA CYS B 22 -2.76 -4.44 6.58
C CYS B 22 -2.87 -5.85 7.16
N LEU B 23 -3.16 -6.85 6.34
CA LEU B 23 -3.21 -8.24 6.85
C LEU B 23 -1.88 -8.68 7.48
N GLU B 24 -0.79 -8.39 6.79
CA GLU B 24 0.56 -8.72 7.22
C GLU B 24 0.89 -8.03 8.54
N ASN B 25 0.60 -6.74 8.61
CA ASN B 25 1.06 -5.94 9.75
C ASN B 25 0.13 -5.91 10.94
N TYR B 26 -1.11 -6.33 10.76
CA TYR B 26 -2.13 -6.35 11.82
C TYR B 26 -2.80 -7.74 11.91
N PHE B 27 -2.02 -8.76 11.56
CA PHE B 27 -2.49 -10.13 11.55
C PHE B 27 -3.12 -10.59 12.87
N ASP B 28 -2.43 -10.34 14.00
CA ASP B 28 -2.98 -10.82 15.28
C ASP B 28 -4.26 -10.10 15.64
N LYS B 29 -4.36 -8.80 15.34
CA LYS B 29 -5.59 -8.09 15.62
C LYS B 29 -6.77 -8.60 14.78
N ILE B 30 -6.50 -8.88 13.51
CA ILE B 30 -7.51 -9.43 12.64
C ILE B 30 -7.96 -10.81 13.14
N ALA B 31 -6.99 -11.64 13.47
CA ALA B 31 -7.25 -13.04 13.84
C ALA B 31 -8.08 -13.11 15.11
N GLY B 32 -7.87 -12.13 16.00
CA GLY B 32 -8.55 -12.10 17.30
C GLY B 32 -9.87 -11.35 17.31
N SER B 33 -10.31 -10.82 16.18
CA SER B 33 -11.45 -9.93 16.17
C SER B 33 -12.79 -10.66 16.18
N GLU B 34 -13.75 -10.08 16.87
CA GLU B 34 -15.10 -10.65 16.84
C GLU B 34 -15.72 -10.54 15.44
N GLU B 35 -15.43 -9.45 14.76
CA GLU B 35 -15.92 -9.25 13.40
C GLU B 35 -15.54 -10.42 12.50
N LEU B 36 -14.33 -10.95 12.63
CA LEU B 36 -13.89 -12.05 11.74
C LEU B 36 -14.78 -13.29 11.93
N LEU B 37 -15.06 -13.57 13.20
CA LEU B 37 -15.85 -14.75 13.53
C LEU B 37 -17.30 -14.59 13.07
N GLU B 38 -17.83 -13.37 13.19
CA GLU B 38 -19.16 -13.07 12.69
C GLU B 38 -19.24 -13.27 11.18
N ILE B 39 -18.21 -12.81 10.45
CA ILE B 39 -18.17 -12.97 9.01
C ILE B 39 -18.09 -14.46 8.68
N LYS B 40 -17.23 -15.17 9.40
CA LYS B 40 -17.06 -16.59 9.17
C LYS B 40 -18.41 -17.30 9.34
N GLY B 41 -19.16 -16.89 10.36
CA GLY B 41 -20.45 -17.50 10.67
C GLY B 41 -21.44 -17.26 9.56
N GLU B 42 -21.36 -16.08 8.96
CA GLU B 42 -22.28 -15.70 7.92
C GLU B 42 -21.99 -16.50 6.67
N ILE B 43 -20.73 -16.83 6.46
CA ILE B 43 -20.36 -17.65 5.32
C ILE B 43 -20.73 -19.10 5.56
N ASP B 44 -20.40 -19.58 6.73
CA ASP B 44 -20.61 -20.97 7.07
C ASP B 44 -22.09 -21.29 7.10
N ASP B 45 -22.92 -20.27 7.25
CA ASP B 45 -24.32 -20.50 7.56
C ASP B 45 -25.15 -20.90 6.39
N VAL B 46 -24.59 -20.87 5.20
CA VAL B 46 -25.33 -21.28 4.05
C VAL B 46 -24.51 -22.23 3.24
N ALA B 47 -25.18 -22.96 2.35
CA ALA B 47 -24.43 -23.91 1.53
C ALA B 47 -23.41 -23.20 0.65
N ALA B 50 -25.23 -21.58 -4.63
CA ALA B 50 -25.60 -20.82 -3.46
C ALA B 50 -24.95 -19.41 -3.49
N ALA B 51 -24.54 -18.94 -2.30
CA ALA B 51 -23.49 -17.88 -2.01
C ALA B 51 -23.60 -16.66 -2.95
N ARG B 52 -24.78 -16.26 -3.30
CA ARG B 52 -25.20 -14.92 -3.71
C ARG B 52 -25.64 -13.96 -2.59
N GLU B 53 -26.48 -14.41 -1.70
CA GLU B 53 -26.93 -13.59 -0.57
C GLU B 53 -25.78 -13.37 0.40
N ILE B 54 -25.03 -14.45 0.59
CA ILE B 54 -23.92 -14.47 1.51
C ILE B 54 -22.94 -13.39 1.04
N PHE B 55 -22.75 -13.33 -0.27
CA PHE B 55 -21.58 -12.63 -0.80
C PHE B 55 -21.45 -11.13 -0.53
N ASP B 56 -22.35 -10.28 -1.00
CA ASP B 56 -21.98 -8.85 -1.06
C ASP B 56 -21.55 -8.29 0.29
N ASP B 57 -22.21 -8.63 1.39
N ASP B 57 -22.48 -8.44 1.22
CA ASP B 57 -21.98 -8.30 2.78
CA ASP B 57 -22.22 -8.23 2.63
C ASP B 57 -20.62 -8.83 3.31
C ASP B 57 -20.95 -8.87 3.18
N SER B 58 -20.89 -10.20 3.20
CA SER B 58 -19.65 -10.79 3.77
C SER B 58 -18.37 -10.30 3.08
N ASP B 59 -18.43 -10.12 1.77
CA ASP B 59 -17.28 -9.70 0.99
C ASP B 59 -16.76 -8.33 1.39
N GLU B 60 -17.64 -7.33 1.39
CA GLU B 60 -17.23 -5.99 1.79
C GLU B 60 -16.70 -6.00 3.23
N ARG B 61 -17.39 -6.71 4.11
CA ARG B 61 -16.99 -6.73 5.53
C ARG B 61 -15.59 -7.35 5.71
N LEU B 62 -15.30 -8.43 4.99
CA LEU B 62 -14.05 -9.12 5.18
C LEU B 62 -12.87 -8.23 4.69
N HIS B 63 -12.98 -7.69 3.48
CA HIS B 63 -11.91 -6.87 2.93
C HIS B 63 -11.75 -5.57 3.74
N LYS B 64 -12.87 -4.96 4.12
CA LYS B 64 -12.78 -3.74 4.94
C LYS B 64 -12.22 -4.02 6.33
N LEU B 65 -12.47 -5.21 6.90
CA LEU B 65 -11.88 -5.54 8.21
C LEU B 65 -10.36 -5.48 8.19
N PHE B 66 -9.74 -5.98 7.12
CA PHE B 66 -8.29 -6.03 7.08
C PHE B 66 -7.74 -4.58 7.21
N ILE B 67 -8.37 -3.68 6.49
CA ILE B 67 -8.01 -2.24 6.47
C ILE B 67 -8.30 -1.60 7.83
N ARG B 68 -9.48 -1.84 8.38
CA ARG B 68 -9.85 -1.23 9.65
C ARG B 68 -8.95 -1.64 10.80
N ALA B 69 -8.53 -2.88 10.78
CA ALA B 69 -7.64 -3.40 11.83
C ALA B 69 -6.32 -2.64 11.97
N SER B 70 -5.90 -1.93 10.92
CA SER B 70 -4.72 -1.08 11.04
C SER B 70 -4.87 0.06 12.06
N GLY B 71 -6.10 0.51 12.24
CA GLY B 71 -6.42 1.70 13.02
C GLY B 71 -5.78 2.92 12.43
N ASN B 72 -5.32 2.84 11.19
CA ASN B 72 -4.68 4.00 10.57
C ASN B 72 -5.72 4.77 9.81
N GLU B 73 -6.15 5.94 10.32
CA GLU B 73 -7.29 6.59 9.71
C GLU B 73 -7.00 7.09 8.30
N LEU B 74 -5.75 7.35 7.97
CA LEU B 74 -5.40 7.77 6.62
C LEU B 74 -5.61 6.58 5.65
N ILE B 75 -5.12 5.41 6.03
CA ILE B 75 -5.32 4.21 5.18
C ILE B 75 -6.78 3.89 5.02
N ILE B 76 -7.51 3.94 6.13
CA ILE B 76 -8.95 3.71 6.11
C ILE B 76 -9.67 4.70 5.18
N SER B 77 -9.30 5.97 5.25
CA SER B 77 -9.92 6.99 4.40
CA SER B 77 -9.92 6.99 4.40
C SER B 77 -9.60 6.81 2.92
N LEU B 78 -8.37 6.40 2.63
CA LEU B 78 -7.96 6.19 1.24
C LEU B 78 -8.74 4.98 0.68
N TYR B 79 -8.90 3.93 1.46
CA TYR B 79 -9.69 2.76 1.04
C TYR B 79 -11.15 3.14 0.81
N GLU B 80 -11.70 3.96 1.71
N GLU B 80 -11.70 3.94 1.72
CA GLU B 80 -13.06 4.42 1.51
CA GLU B 80 -13.05 4.48 1.55
C GLU B 80 -13.17 5.29 0.26
C GLU B 80 -13.17 5.28 0.26
N LYS B 81 -12.15 6.10 -0.04
CA LYS B 81 -12.16 6.93 -1.22
C LYS B 81 -12.28 6.10 -2.50
N ILE B 82 -11.60 4.96 -2.53
CA ILE B 82 -11.54 4.16 -3.74
C ILE B 82 -12.64 3.06 -3.71
N TRP B 83 -13.46 3.03 -2.67
CA TRP B 83 -14.39 1.91 -2.51
C TRP B 83 -15.43 1.86 -3.64
N ASP B 84 -15.95 3.00 -4.10
CA ASP B 84 -16.94 2.96 -5.20
C ASP B 84 -16.31 2.31 -6.46
N ARG B 85 -15.04 2.59 -6.71
CA ARG B 85 -14.31 1.96 -7.79
C ARG B 85 -14.09 0.45 -7.58
N ILE B 86 -13.65 0.08 -6.39
CA ILE B 86 -13.54 -1.33 -6.00
C ILE B 86 -14.88 -2.07 -6.23
N ASP B 87 -15.96 -1.42 -5.84
CA ASP B 87 -17.36 -1.95 -5.87
C ASP B 87 -17.77 -2.10 -7.32
N LEU B 88 -17.45 -1.11 -8.17
CA LEU B 88 -17.68 -1.25 -9.59
C LEU B 88 -17.00 -2.50 -10.14
N VAL B 89 -15.71 -2.64 -9.88
CA VAL B 89 -14.98 -3.73 -10.46
C VAL B 89 -15.47 -5.08 -9.98
N ARG B 90 -15.89 -5.17 -8.73
CA ARG B 90 -16.40 -6.46 -8.25
C ARG B 90 -17.69 -6.83 -8.94
N HIS B 91 -18.46 -5.81 -9.31
CA HIS B 91 -19.75 -6.07 -9.95
C HIS B 91 -19.59 -6.43 -11.44
N LEU B 92 -18.38 -6.28 -12.00
CA LEU B 92 -18.18 -6.58 -13.41
C LEU B 92 -18.37 -8.05 -13.75
N ASN B 93 -18.10 -8.91 -12.76
CA ASN B 93 -18.10 -10.35 -13.00
C ASN B 93 -18.57 -11.03 -11.73
N GLU B 94 -19.67 -11.77 -11.87
CA GLU B 94 -20.24 -12.51 -10.77
C GLU B 94 -19.54 -13.84 -10.50
N ARG B 95 -18.83 -13.88 -9.38
CA ARG B 95 -18.08 -15.06 -8.95
C ARG B 95 -18.44 -15.52 -7.55
N TYR B 96 -19.72 -15.41 -7.19
CA TYR B 96 -20.11 -15.62 -5.79
C TYR B 96 -19.59 -16.95 -5.18
N VAL B 97 -19.84 -18.05 -5.85
CA VAL B 97 -19.52 -19.35 -5.25
C VAL B 97 -18.03 -19.48 -5.01
N VAL B 98 -17.26 -19.16 -6.03
CA VAL B 98 -15.83 -19.38 -5.96
C VAL B 98 -15.18 -18.31 -5.07
N SER B 99 -15.60 -17.06 -5.16
CA SER B 99 -15.02 -16.08 -4.24
C SER B 99 -15.34 -16.38 -2.78
N ASN B 100 -16.55 -16.90 -2.56
N ASN B 100 -16.53 -16.90 -2.43
CA ASN B 100 -16.97 -17.28 -1.24
CA ASN B 100 -16.65 -17.16 -1.00
C ASN B 100 -16.03 -18.37 -0.70
C ASN B 100 -15.98 -18.47 -0.59
N ARG B 101 -15.72 -19.39 -1.51
CA ARG B 101 -14.85 -20.52 -1.13
C ARG B 101 -13.49 -19.97 -0.75
N GLU B 102 -12.98 -19.04 -1.58
CA GLU B 102 -11.68 -18.41 -1.31
C GLU B 102 -11.68 -17.61 -0.02
N HIS B 103 -12.72 -16.86 0.25
CA HIS B 103 -12.88 -16.19 1.51
C HIS B 103 -12.84 -17.14 2.69
N LYS B 104 -13.58 -18.20 2.59
CA LYS B 104 -13.66 -19.17 3.67
C LYS B 104 -12.29 -19.78 3.97
N GLU B 105 -11.55 -20.11 2.96
CA GLU B 105 -10.22 -20.64 3.14
C GLU B 105 -9.28 -19.62 3.72
N LEU B 106 -9.43 -18.39 3.29
CA LEU B 106 -8.62 -17.28 3.80
C LEU B 106 -8.86 -17.16 5.29
N ILE B 107 -10.12 -17.10 5.66
CA ILE B 107 -10.51 -16.99 7.06
C ILE B 107 -9.94 -18.12 7.90
N GLU B 108 -10.02 -19.35 7.42
CA GLU B 108 -9.47 -20.46 8.19
C GLU B 108 -7.96 -20.36 8.38
N ARG B 109 -7.24 -19.90 7.37
CA ARG B 109 -5.81 -19.70 7.53
C ARG B 109 -5.51 -18.68 8.60
N ILE B 110 -6.30 -17.63 8.63
CA ILE B 110 -6.11 -16.59 9.62
C ILE B 110 -6.35 -17.11 11.03
N ILE B 111 -7.50 -17.72 11.26
CA ILE B 111 -7.86 -18.09 12.61
C ILE B 111 -6.98 -19.24 13.11
N SER B 112 -6.42 -20.02 12.19
CA SER B 112 -5.51 -21.08 12.62
C SER B 112 -4.05 -20.61 12.79
N GLY B 113 -3.77 -19.33 12.56
CA GLY B 113 -2.44 -18.78 12.80
C GLY B 113 -1.44 -18.90 11.68
N ASP B 114 -1.88 -19.28 10.49
CA ASP B 114 -1.02 -19.47 9.34
C ASP B 114 -0.88 -18.14 8.64
N LYS B 115 -0.05 -17.26 9.20
CA LYS B 115 0.09 -15.91 8.63
C LYS B 115 0.61 -15.92 7.21
N GLU B 116 1.72 -16.66 6.97
CA GLU B 116 2.29 -16.72 5.63
C GLU B 116 1.26 -17.24 4.63
N GLY B 117 0.54 -18.29 5.01
CA GLY B 117 -0.47 -18.82 4.14
C GLY B 117 -1.65 -17.87 3.92
N ALA B 118 -2.08 -17.13 4.95
CA ALA B 118 -3.19 -16.18 4.79
C ALA B 118 -2.79 -15.09 3.77
N ILE B 119 -1.57 -14.58 3.89
CA ILE B 119 -1.09 -13.53 2.97
C ILE B 119 -1.08 -14.06 1.54
N GLU B 120 -0.57 -15.29 1.37
CA GLU B 120 -0.58 -15.96 0.07
C GLU B 120 -2.01 -16.09 -0.45
N LYS B 121 -2.93 -16.50 0.39
CA LYS B 121 -4.30 -16.77 -0.05
C LYS B 121 -5.01 -15.46 -0.44
N LEU B 122 -4.76 -14.37 0.29
CA LEU B 122 -5.37 -13.08 -0.07
C LEU B 122 -4.85 -12.63 -1.44
N LYS B 123 -3.57 -12.76 -1.68
CA LYS B 123 -3.03 -12.42 -3.00
C LYS B 123 -3.59 -13.27 -4.10
N GLU B 124 -3.58 -14.57 -3.86
CA GLU B 124 -4.12 -15.51 -4.84
C GLU B 124 -5.57 -15.15 -5.16
N HIS B 125 -6.35 -14.91 -4.12
CA HIS B 125 -7.76 -14.54 -4.26
C HIS B 125 -7.96 -13.30 -5.15
N LEU B 126 -7.26 -12.20 -4.82
CA LEU B 126 -7.39 -11.00 -5.62
C LEU B 126 -6.89 -11.20 -7.07
N LYS B 127 -5.80 -11.95 -7.24
CA LYS B 127 -5.30 -12.21 -8.59
C LYS B 127 -6.25 -13.10 -9.39
N ASN B 128 -6.91 -14.03 -8.70
CA ASN B 128 -7.90 -14.89 -9.35
C ASN B 128 -9.10 -14.08 -9.78
N VAL B 129 -9.52 -13.18 -8.91
CA VAL B 129 -10.65 -12.32 -9.24
C VAL B 129 -10.28 -11.47 -10.47
N GLU B 130 -9.08 -10.90 -10.46
CA GLU B 130 -8.64 -10.07 -11.54
C GLU B 130 -8.65 -10.85 -12.86
N ALA B 131 -8.07 -12.03 -12.82
CA ALA B 131 -7.92 -12.85 -14.04
C ALA B 131 -9.28 -13.19 -14.64
N GLU B 132 -10.22 -13.54 -13.77
CA GLU B 132 -11.53 -13.91 -14.24
C GLU B 132 -12.33 -12.70 -14.73
N THR B 133 -12.13 -11.54 -14.10
CA THR B 133 -12.78 -10.35 -14.58
C THR B 133 -12.25 -9.96 -15.98
N ILE B 134 -10.94 -10.05 -16.20
CA ILE B 134 -10.37 -9.76 -17.51
C ILE B 134 -10.82 -10.82 -18.56
N LYS B 135 -10.86 -12.09 -18.14
CA LYS B 135 -11.31 -13.19 -19.01
C LYS B 135 -12.70 -12.97 -19.55
N ASN B 136 -13.53 -12.25 -18.79
CA ASN B 136 -14.92 -12.07 -19.15
C ASN B 136 -15.30 -10.67 -19.56
N LEU B 137 -14.31 -9.85 -19.86
CA LEU B 137 -14.53 -8.46 -20.17
C LEU B 137 -15.29 -8.29 -21.49
N TYR B 138 -15.27 -9.35 -22.31
CA TYR B 138 -15.95 -9.32 -23.62
C TYR B 138 -16.98 -10.40 -23.81
N THR B 139 -17.48 -10.95 -22.70
CA THR B 139 -18.51 -11.95 -22.71
C THR B 139 -19.87 -11.42 -22.27
N TYR B 140 -20.08 -10.11 -22.36
CA TYR B 140 -21.37 -9.52 -21.98
C TYR B 140 -22.40 -9.67 -23.11
S SO4 C . 11.49 12.40 3.83
O1 SO4 C . 10.66 12.67 2.59
O2 SO4 C . 10.82 11.49 4.74
O3 SO4 C . 12.92 12.00 3.48
O4 SO4 C . 11.61 13.56 4.68
ZN ZN D . 13.46 10.65 2.03
ZN ZN E . 10.55 23.49 2.38
C BCT F . 13.21 7.46 -17.08
O1 BCT F . 14.03 6.75 -17.65
O2 BCT F . 12.04 7.34 -17.35
O3 BCT F . 13.51 8.34 -16.20
HO3 BCT F . 12.62 8.84 -15.85
S SO4 G . -13.87 -9.33 -4.36
O1 SO4 G . -14.88 -9.35 -5.43
O2 SO4 G . -14.13 -8.23 -3.34
O3 SO4 G . -13.89 -10.66 -3.66
O4 SO4 G . -12.65 -9.06 -5.08
ZN ZN H . -12.96 -11.10 -1.81
ZN ZN I . -24.62 -5.64 -5.63
C BCT J . -13.45 -6.43 16.92
O1 BCT J . -14.29 -6.81 16.10
O2 BCT J . -12.87 -5.37 16.73
O3 BCT J . -13.14 -7.12 18.00
HO3 BCT J . -12.38 -6.59 18.56
#